data_7K9R
#
_entry.id   7K9R
#
_cell.length_a   66.230
_cell.length_b   80.260
_cell.length_c   149.890
_cell.angle_alpha   90.000
_cell.angle_beta   92.319
_cell.angle_gamma   90.000
#
_symmetry.space_group_name_H-M   'C 1 2 1'
#
loop_
_entity.id
_entity.type
_entity.pdbx_description
1 polymer 'Hsp90-like protein'
2 non-polymer 'CHLORIDE ION'
3 water water
#
_entity_poly.entity_id   1
_entity_poly.type   'polypeptide(L)'
_entity_poly.pdbx_seq_one_letter_code
;GPGSMSTETFGFQAEISQLLDLIINTFYSNKEIFLRELISNSSDALDKIRYAALTDPSQLDSEKDLYIRIIPNKEEGTLT
IRDTGIGMTKADLVNNLGTIAKSGTKAFMEALSSGADISMIGQFGVGFYSSYLVAEKVQVTTKHNDDEQYIWESAAGGTF
TITEDTEGPRLGRGTSMKLFIKEDLKEYLEEKRIREIVKKHSEFISYPIQLVVTK
;
_entity_poly.pdbx_strand_id   A,B,C
#
loop_
_chem_comp.id
_chem_comp.type
_chem_comp.name
_chem_comp.formula
CL non-polymer 'CHLORIDE ION' 'Cl -1'
#
# COMPACT_ATOMS: atom_id res chain seq x y z
N SER A 4 -10.30 -21.58 30.56
CA SER A 4 -11.50 -21.24 29.81
C SER A 4 -12.73 -21.34 30.71
N MET A 5 -13.37 -20.21 30.90
CA MET A 5 -14.38 -20.02 31.98
C MET A 5 -15.76 -19.86 31.31
N SER A 6 -16.57 -18.88 31.72
CA SER A 6 -17.83 -18.57 31.08
C SER A 6 -17.54 -17.81 29.79
N THR A 7 -18.27 -18.15 28.73
CA THR A 7 -18.04 -17.59 27.40
C THR A 7 -19.14 -16.58 27.11
N GLU A 8 -18.73 -15.42 26.62
CA GLU A 8 -19.68 -14.36 26.20
C GLU A 8 -19.66 -14.31 24.68
N THR A 9 -20.83 -14.19 24.06
CA THR A 9 -20.93 -14.12 22.60
C THR A 9 -21.36 -12.72 22.22
N PHE A 10 -20.68 -12.14 21.23
CA PHE A 10 -20.92 -10.79 20.75
C PHE A 10 -21.22 -10.83 19.25
N GLY A 11 -22.07 -9.94 18.78
CA GLY A 11 -22.24 -9.78 17.35
C GLY A 11 -21.19 -8.84 16.77
N PHE A 12 -20.73 -9.15 15.58
CA PHE A 12 -19.88 -8.20 14.87
C PHE A 12 -20.71 -7.01 14.44
N GLN A 13 -20.09 -5.82 14.45
CA GLN A 13 -20.68 -4.68 13.76
C GLN A 13 -20.95 -5.03 12.31
N ALA A 14 -22.02 -4.44 11.75
CA ALA A 14 -22.49 -4.83 10.42
C ALA A 14 -21.39 -4.72 9.36
N GLU A 15 -20.64 -3.62 9.37
CA GLU A 15 -19.60 -3.43 8.36
C GLU A 15 -18.52 -4.49 8.44
N ILE A 16 -18.22 -4.98 9.65
CA ILE A 16 -17.18 -6.00 9.79
C ILE A 16 -17.66 -7.34 9.25
N SER A 17 -18.93 -7.71 9.54
CA SER A 17 -19.50 -8.91 8.94
C SER A 17 -19.52 -8.79 7.42
N GLN A 18 -19.83 -7.60 6.91
CA GLN A 18 -19.84 -7.43 5.45
C GLN A 18 -18.44 -7.60 4.88
N LEU A 19 -17.43 -7.00 5.53
CA LEU A 19 -16.05 -7.17 5.08
C LEU A 19 -15.59 -8.62 5.18
N LEU A 20 -15.90 -9.30 6.29
CA LEU A 20 -15.48 -10.70 6.40
C LEU A 20 -16.09 -11.53 5.28
N ASP A 21 -17.35 -11.27 4.93
CA ASP A 21 -17.94 -12.03 3.82
C ASP A 21 -17.17 -11.79 2.52
N LEU A 22 -16.75 -10.54 2.28
CA LEU A 22 -15.95 -10.21 1.11
C LEU A 22 -14.58 -10.86 1.15
N ILE A 23 -13.92 -10.83 2.31
CA ILE A 23 -12.60 -11.46 2.45
C ILE A 23 -12.71 -12.95 2.19
N ILE A 24 -13.76 -13.58 2.69
CA ILE A 24 -13.85 -15.03 2.66
C ILE A 24 -14.33 -15.56 1.31
N ASN A 25 -15.24 -14.87 0.64
CA ASN A 25 -15.91 -15.43 -0.54
C ASN A 25 -15.49 -14.81 -1.86
N THR A 26 -14.39 -14.07 -1.90
CA THR A 26 -13.85 -13.53 -3.14
C THR A 26 -12.52 -14.18 -3.44
N PHE A 27 -12.25 -14.44 -4.72
CA PHE A 27 -10.96 -14.97 -5.11
C PHE A 27 -9.92 -13.86 -5.09
N TYR A 28 -8.80 -14.13 -4.44
CA TYR A 28 -7.63 -13.24 -4.47
C TYR A 28 -6.40 -14.05 -4.84
N SER A 29 -5.57 -13.49 -5.71
CA SER A 29 -4.32 -14.16 -6.10
C SER A 29 -3.19 -13.93 -5.13
N ASN A 30 -3.34 -13.00 -4.18
CA ASN A 30 -2.21 -12.63 -3.33
C ASN A 30 -2.60 -12.81 -1.86
N LYS A 31 -3.11 -13.98 -1.50
CA LYS A 31 -3.60 -14.20 -0.14
C LYS A 31 -2.47 -14.23 0.89
N GLU A 32 -1.23 -14.48 0.45
CA GLU A 32 -0.07 -14.58 1.34
C GLU A 32 0.19 -13.29 2.09
N ILE A 33 -0.42 -12.16 1.69
CA ILE A 33 -0.19 -10.89 2.38
C ILE A 33 -0.75 -10.93 3.81
N PHE A 34 -1.61 -11.90 4.14
CA PHE A 34 -2.10 -11.99 5.52
C PHE A 34 -0.94 -12.05 6.51
N LEU A 35 0.15 -12.71 6.14
CA LEU A 35 1.20 -12.93 7.14
C LEU A 35 1.93 -11.63 7.44
N ARG A 36 2.19 -10.84 6.41
CA ARG A 36 2.75 -9.50 6.53
C ARG A 36 1.91 -8.65 7.48
N GLU A 37 0.60 -8.76 7.39
CA GLU A 37 -0.26 -7.94 8.23
C GLU A 37 -0.17 -8.36 9.69
N LEU A 38 -0.18 -9.67 9.96
CA LEU A 38 -0.10 -10.13 11.35
C LEU A 38 1.28 -9.81 11.95
N ILE A 39 2.35 -9.98 11.16
CA ILE A 39 3.68 -9.68 11.66
C ILE A 39 3.81 -8.18 11.93
N SER A 40 3.24 -7.34 11.06
CA SER A 40 3.27 -5.90 11.31
C SER A 40 2.47 -5.53 12.55
N ASN A 41 1.31 -6.16 12.75
CA ASN A 41 0.56 -5.96 13.99
C ASN A 41 1.35 -6.37 15.23
N SER A 42 2.03 -7.52 15.16
CA SER A 42 2.86 -7.95 16.30
C SER A 42 3.98 -6.96 16.58
N SER A 43 4.64 -6.48 15.52
CA SER A 43 5.70 -5.49 15.68
C SER A 43 5.15 -4.21 16.35
N ASP A 44 3.96 -3.75 15.94
CA ASP A 44 3.33 -2.62 16.62
C ASP A 44 3.04 -2.91 18.09
N ALA A 45 2.54 -4.10 18.42
CA ALA A 45 2.27 -4.43 19.83
C ALA A 45 3.55 -4.47 20.65
N LEU A 46 4.66 -4.89 20.03
CA LEU A 46 5.97 -4.95 20.72
C LEU A 46 6.49 -3.53 20.93
N ASP A 47 6.28 -2.65 19.95
CA ASP A 47 6.71 -1.24 20.09
C ASP A 47 5.94 -0.60 21.25
N LYS A 48 4.65 -0.92 21.39
CA LYS A 48 3.81 -0.33 22.47
C LYS A 48 4.33 -0.72 23.86
N ILE A 49 4.67 -1.98 24.08
CA ILE A 49 5.18 -2.38 25.43
C ILE A 49 6.53 -1.70 25.69
N ARG A 50 7.38 -1.62 24.67
CA ARG A 50 8.70 -0.96 24.82
C ARG A 50 8.47 0.50 25.19
N TYR A 51 7.54 1.16 24.51
CA TYR A 51 7.29 2.60 24.79
C TYR A 51 6.76 2.77 26.20
N ALA A 52 5.85 1.89 26.61
CA ALA A 52 5.26 1.95 27.97
C ALA A 52 6.38 1.74 28.99
N ALA A 53 7.35 0.90 28.67
CA ALA A 53 8.42 0.61 29.61
C ALA A 53 9.44 1.75 29.72
N LEU A 54 9.44 2.70 28.78
CA LEU A 54 10.36 3.83 28.90
C LEU A 54 10.08 4.62 30.18
N THR A 55 8.81 4.81 30.53
CA THR A 55 8.45 5.53 31.73
C THR A 55 8.11 4.64 32.92
N ASP A 56 7.88 3.34 32.70
CA ASP A 56 7.65 2.39 33.79
C ASP A 56 8.33 1.07 33.45
N PRO A 57 9.61 0.93 33.81
CA PRO A 57 10.35 -0.30 33.42
C PRO A 57 9.73 -1.59 33.89
N SER A 58 8.97 -1.59 34.99
CA SER A 58 8.35 -2.83 35.44
C SER A 58 7.30 -3.37 34.48
N GLN A 59 6.90 -2.59 33.46
CA GLN A 59 5.96 -3.11 32.47
C GLN A 59 6.51 -4.35 31.77
N LEU A 60 7.83 -4.50 31.73
CA LEU A 60 8.43 -5.66 31.08
C LEU A 60 8.58 -6.85 32.03
N ASP A 61 8.25 -6.67 33.31
CA ASP A 61 8.45 -7.74 34.28
C ASP A 61 7.68 -9.00 33.92
N SER A 62 6.49 -8.83 33.36
CA SER A 62 5.66 -9.97 33.01
C SER A 62 6.28 -10.84 31.91
N GLU A 63 7.22 -10.31 31.13
CA GLU A 63 7.96 -11.02 30.08
C GLU A 63 9.04 -10.14 29.48
N LYS A 64 10.31 -10.45 29.72
CA LYS A 64 11.39 -9.56 29.29
C LYS A 64 11.81 -9.78 27.84
N ASP A 65 11.52 -10.94 27.27
CA ASP A 65 11.97 -11.28 25.92
C ASP A 65 10.94 -10.77 24.90
N LEU A 66 11.39 -9.92 23.97
CA LEU A 66 10.50 -9.31 22.98
C LEU A 66 10.71 -9.99 21.63
N TYR A 67 9.73 -10.78 21.17
CA TYR A 67 9.97 -11.52 19.94
C TYR A 67 8.64 -11.84 19.27
N ILE A 68 8.74 -12.30 18.02
CA ILE A 68 7.62 -12.84 17.27
C ILE A 68 7.95 -14.28 16.92
N ARG A 69 7.01 -15.19 17.15
CA ARG A 69 7.28 -16.60 16.91
C ARG A 69 6.16 -17.22 16.08
N ILE A 70 6.52 -17.96 15.03
CA ILE A 70 5.57 -18.61 14.13
C ILE A 70 5.67 -20.12 14.30
N ILE A 71 4.53 -20.77 14.53
CA ILE A 71 4.50 -22.21 14.79
C ILE A 71 3.48 -22.89 13.89
N PRO A 72 3.89 -23.49 12.77
CA PRO A 72 2.96 -24.32 12.00
C PRO A 72 2.76 -25.67 12.66
N ASN A 73 1.54 -26.20 12.54
CA ASN A 73 1.20 -27.51 13.10
C ASN A 73 0.33 -28.23 12.08
N LYS A 74 0.97 -29.08 11.28
CA LYS A 74 0.27 -29.76 10.20
C LYS A 74 -0.74 -30.77 10.73
N GLU A 75 -0.46 -31.38 11.88
CA GLU A 75 -1.41 -32.32 12.45
C GLU A 75 -2.69 -31.59 12.87
N GLU A 76 -2.55 -30.47 13.58
CA GLU A 76 -3.71 -29.72 14.04
C GLU A 76 -4.31 -28.85 12.93
N GLY A 77 -3.56 -28.63 11.84
CA GLY A 77 -4.02 -27.76 10.77
C GLY A 77 -4.01 -26.29 11.13
N THR A 78 -3.06 -25.86 11.95
CA THR A 78 -3.06 -24.52 12.49
C THR A 78 -1.71 -23.86 12.24
N LEU A 79 -1.77 -22.54 12.07
CA LEU A 79 -0.60 -21.67 12.05
C LEU A 79 -0.76 -20.68 13.19
N THR A 80 0.19 -20.66 14.10
CA THR A 80 0.15 -19.77 15.26
C THR A 80 1.21 -18.69 15.11
N ILE A 81 0.79 -17.43 15.28
CA ILE A 81 1.70 -16.29 15.38
C ILE A 81 1.59 -15.75 16.80
N ARG A 82 2.70 -15.82 17.55
N ARG A 82 2.68 -15.85 17.56
CA ARG A 82 2.76 -15.37 18.94
CA ARG A 82 2.75 -15.34 18.92
C ARG A 82 3.77 -14.23 19.05
C ARG A 82 3.75 -14.20 19.00
N ASP A 83 3.40 -13.17 19.76
CA ASP A 83 4.32 -12.10 20.10
C ASP A 83 4.23 -11.84 21.60
N THR A 84 5.26 -11.22 22.15
CA THR A 84 5.26 -10.79 23.54
C THR A 84 5.05 -9.29 23.64
N GLY A 85 4.16 -8.75 22.82
CA GLY A 85 3.87 -7.32 22.83
C GLY A 85 2.99 -6.95 24.01
N ILE A 86 2.35 -5.79 23.88
CA ILE A 86 1.59 -5.21 25.00
C ILE A 86 0.34 -6.02 25.33
N GLY A 87 -0.15 -6.83 24.40
CA GLY A 87 -1.35 -7.61 24.66
C GLY A 87 -2.60 -6.75 24.55
N MET A 88 -3.74 -7.38 24.81
CA MET A 88 -5.03 -6.71 24.73
C MET A 88 -5.84 -6.97 25.99
N THR A 89 -6.48 -5.90 26.48
CA THR A 89 -7.44 -6.09 27.54
C THR A 89 -8.73 -6.65 26.97
N LYS A 90 -9.64 -7.01 27.86
CA LYS A 90 -10.96 -7.43 27.40
C LYS A 90 -11.64 -6.32 26.62
N ALA A 91 -11.53 -5.08 27.09
CA ALA A 91 -12.13 -3.96 26.36
C ALA A 91 -11.51 -3.82 24.97
N ASP A 92 -10.19 -4.04 24.85
CA ASP A 92 -9.58 -4.02 23.52
C ASP A 92 -10.15 -5.13 22.64
N LEU A 93 -10.31 -6.33 23.20
CA LEU A 93 -10.86 -7.43 22.41
C LEU A 93 -12.26 -7.10 21.92
N VAL A 94 -13.10 -6.56 22.81
CA VAL A 94 -14.47 -6.20 22.42
C VAL A 94 -14.44 -5.14 21.32
N ASN A 95 -13.55 -4.15 21.46
CA ASN A 95 -13.45 -3.04 20.51
C ASN A 95 -12.60 -3.46 19.31
N ASN A 96 -13.02 -4.57 18.72
CA ASN A 96 -12.43 -5.08 17.47
C ASN A 96 -10.91 -5.26 17.56
N LEU A 97 -10.48 -5.94 18.61
CA LEU A 97 -9.07 -6.28 18.82
C LEU A 97 -8.22 -5.04 18.75
N GLY A 98 -8.70 -3.97 19.38
CA GLY A 98 -7.93 -2.75 19.47
C GLY A 98 -7.76 -2.00 18.17
N THR A 99 -8.66 -2.17 17.19
CA THR A 99 -8.56 -1.47 15.92
C THR A 99 -9.63 -0.40 15.79
N ILE A 100 -9.58 0.33 14.68
CA ILE A 100 -10.59 1.32 14.36
C ILE A 100 -11.48 0.71 13.28
N ALA A 101 -11.88 -0.54 13.50
CA ALA A 101 -12.65 -1.25 12.48
C ALA A 101 -14.02 -0.63 12.30
N LYS A 102 -14.55 0.02 13.33
N LYS A 102 -14.56 0.00 13.33
CA LYS A 102 -15.85 0.67 13.25
CA LYS A 102 -15.85 0.67 13.24
C LYS A 102 -15.96 1.54 12.00
C LYS A 102 -15.93 1.50 11.97
N SER A 103 -15.04 2.48 11.84
CA SER A 103 -15.01 3.30 10.63
C SER A 103 -14.13 2.71 9.53
N GLY A 104 -13.06 1.97 9.88
CA GLY A 104 -12.09 1.60 8.87
C GLY A 104 -12.49 0.44 7.97
N THR A 105 -13.38 -0.45 8.41
CA THR A 105 -13.79 -1.51 7.50
C THR A 105 -14.65 -0.93 6.38
N LYS A 106 -15.56 -0.01 6.75
CA LYS A 106 -16.39 0.64 5.75
C LYS A 106 -15.54 1.42 4.76
N ALA A 107 -14.54 2.17 5.25
CA ALA A 107 -13.66 2.90 4.36
C ALA A 107 -12.90 1.95 3.45
N PHE A 108 -12.39 0.85 4.01
CA PHE A 108 -11.65 -0.10 3.20
C PHE A 108 -12.54 -0.70 2.12
N MET A 109 -13.80 -1.04 2.46
CA MET A 109 -14.65 -1.64 1.43
C MET A 109 -15.00 -0.65 0.35
N GLU A 110 -15.08 0.64 0.69
CA GLU A 110 -15.31 1.65 -0.33
C GLU A 110 -14.09 1.77 -1.24
N ALA A 111 -12.89 1.66 -0.68
CA ALA A 111 -11.70 1.68 -1.51
C ALA A 111 -11.64 0.45 -2.42
N LEU A 112 -12.02 -0.73 -1.90
CA LEU A 112 -12.02 -1.92 -2.72
C LEU A 112 -12.99 -1.77 -3.88
N SER A 113 -14.18 -1.23 -3.63
N SER A 113 -14.16 -1.21 -3.63
CA SER A 113 -15.14 -1.04 -4.71
CA SER A 113 -15.15 -1.03 -4.70
C SER A 113 -14.66 -0.06 -5.76
C SER A 113 -14.64 -0.08 -5.77
N SER A 114 -13.73 0.83 -5.42
CA SER A 114 -13.16 1.76 -6.36
C SER A 114 -11.82 1.28 -6.95
N GLY A 115 -11.42 0.04 -6.70
CA GLY A 115 -10.22 -0.50 -7.33
C GLY A 115 -9.01 -0.73 -6.45
N ALA A 116 -9.14 -0.59 -5.14
CA ALA A 116 -8.02 -0.83 -4.26
C ALA A 116 -7.70 -2.33 -4.24
N ASP A 117 -6.54 -2.68 -3.72
CA ASP A 117 -6.18 -4.09 -3.68
C ASP A 117 -6.32 -4.58 -2.24
N ILE A 118 -6.62 -5.89 -2.08
CA ILE A 118 -6.80 -6.44 -0.74
C ILE A 118 -5.56 -6.25 0.11
N SER A 119 -4.38 -6.16 -0.53
CA SER A 119 -3.15 -6.00 0.24
C SER A 119 -3.06 -4.66 0.96
N MET A 120 -3.89 -3.69 0.60
CA MET A 120 -3.89 -2.37 1.23
C MET A 120 -4.66 -2.37 2.56
N ILE A 121 -5.15 -3.54 3.00
CA ILE A 121 -6.05 -3.63 4.17
C ILE A 121 -5.42 -2.99 5.42
N GLY A 122 -4.10 -3.03 5.53
CA GLY A 122 -3.36 -2.51 6.69
C GLY A 122 -3.39 -1.01 6.75
N GLN A 123 -3.61 -0.32 5.64
CA GLN A 123 -3.69 1.17 5.60
C GLN A 123 -4.95 1.65 6.32
N PHE A 124 -5.98 0.80 6.39
CA PHE A 124 -7.24 1.12 7.07
C PHE A 124 -7.25 0.64 8.53
N GLY A 125 -6.17 0.02 8.99
CA GLY A 125 -6.09 -0.40 10.37
C GLY A 125 -6.82 -1.69 10.68
N VAL A 126 -7.19 -2.47 9.67
CA VAL A 126 -8.00 -3.65 9.95
C VAL A 126 -7.31 -4.89 9.40
N GLY A 127 -5.97 -4.85 9.32
CA GLY A 127 -5.22 -5.96 8.76
C GLY A 127 -5.46 -7.30 9.46
N PHE A 128 -5.85 -7.28 10.73
CA PHE A 128 -6.15 -8.55 11.46
C PHE A 128 -7.14 -9.42 10.69
N TYR A 129 -8.14 -8.81 10.07
CA TYR A 129 -9.22 -9.56 9.36
C TYR A 129 -8.67 -10.30 8.13
N SER A 130 -7.46 -9.95 7.67
CA SER A 130 -6.78 -10.63 6.53
C SER A 130 -6.55 -12.11 6.87
N SER A 131 -6.54 -12.44 8.16
N SER A 131 -6.55 -12.45 8.16
CA SER A 131 -6.33 -13.86 8.60
CA SER A 131 -6.33 -13.86 8.60
C SER A 131 -7.42 -14.76 8.00
C SER A 131 -7.40 -14.75 7.95
N TYR A 132 -8.60 -14.19 7.70
CA TYR A 132 -9.71 -14.99 7.12
C TYR A 132 -9.49 -15.29 5.62
N LEU A 133 -8.48 -14.68 4.99
CA LEU A 133 -8.11 -15.06 3.60
C LEU A 133 -7.65 -16.52 3.60
N VAL A 134 -7.06 -16.99 4.69
CA VAL A 134 -6.50 -18.38 4.73
C VAL A 134 -7.10 -19.19 5.87
N ALA A 135 -7.75 -18.56 6.85
CA ALA A 135 -8.22 -19.28 8.02
C ALA A 135 -9.73 -19.35 8.00
N GLU A 136 -10.27 -20.51 8.34
CA GLU A 136 -11.71 -20.65 8.54
C GLU A 136 -12.13 -20.23 9.95
N LYS A 137 -11.20 -20.23 10.90
CA LYS A 137 -11.53 -19.82 12.26
C LYS A 137 -10.25 -19.30 12.87
N VAL A 138 -10.36 -18.35 13.78
CA VAL A 138 -9.18 -17.79 14.46
C VAL A 138 -9.47 -17.77 15.95
N GLN A 139 -8.48 -18.20 16.75
CA GLN A 139 -8.52 -18.08 18.21
C GLN A 139 -7.38 -17.20 18.64
N VAL A 140 -7.70 -16.12 19.34
CA VAL A 140 -6.69 -15.16 19.79
C VAL A 140 -6.61 -15.31 21.30
N THR A 141 -5.49 -15.76 21.82
CA THR A 141 -5.23 -15.74 23.25
C THR A 141 -4.42 -14.49 23.55
N THR A 142 -4.80 -13.75 24.58
CA THR A 142 -4.07 -12.52 24.80
C THR A 142 -4.02 -12.19 26.29
N LYS A 143 -2.95 -11.48 26.67
CA LYS A 143 -2.72 -11.10 28.07
C LYS A 143 -2.06 -9.73 28.10
N HIS A 144 -2.75 -8.77 28.71
CA HIS A 144 -2.27 -7.41 28.91
C HIS A 144 -1.94 -7.25 30.38
N ASN A 145 -0.92 -6.45 30.69
CA ASN A 145 -0.51 -6.28 32.08
C ASN A 145 -1.68 -5.89 32.99
N ASP A 146 -2.66 -5.17 32.46
CA ASP A 146 -3.70 -4.66 33.34
C ASP A 146 -4.91 -5.58 33.50
N ASP A 147 -4.87 -6.80 32.97
CA ASP A 147 -6.09 -7.59 32.83
C ASP A 147 -5.73 -9.07 32.92
N GLU A 148 -6.76 -9.93 32.86
CA GLU A 148 -6.61 -11.38 32.84
C GLU A 148 -6.28 -11.87 31.44
N GLN A 149 -5.92 -13.14 31.34
CA GLN A 149 -5.72 -13.76 30.03
C GLN A 149 -7.06 -14.17 29.43
N TYR A 150 -7.28 -13.85 28.15
CA TYR A 150 -8.56 -14.12 27.48
C TYR A 150 -8.34 -14.89 26.20
N ILE A 151 -9.42 -15.54 25.74
CA ILE A 151 -9.44 -16.16 24.43
C ILE A 151 -10.59 -15.55 23.63
N TRP A 152 -10.27 -14.96 22.49
CA TRP A 152 -11.24 -14.47 21.52
C TRP A 152 -11.30 -15.51 20.43
N GLU A 153 -12.51 -15.79 19.93
CA GLU A 153 -12.64 -16.76 18.84
C GLU A 153 -13.75 -16.38 17.88
N SER A 154 -13.53 -16.61 16.58
CA SER A 154 -14.62 -16.43 15.63
C SER A 154 -14.36 -17.26 14.40
N ALA A 155 -15.43 -17.85 13.85
CA ALA A 155 -15.40 -18.43 12.52
C ALA A 155 -16.06 -17.51 11.50
N ALA A 156 -16.16 -16.22 11.81
CA ALA A 156 -16.70 -15.23 10.88
C ALA A 156 -18.11 -15.59 10.42
N GLY A 157 -18.92 -16.07 11.35
CA GLY A 157 -20.32 -16.31 11.10
C GLY A 157 -21.22 -15.32 11.79
N GLY A 158 -20.78 -14.07 11.94
CA GLY A 158 -21.60 -13.02 12.52
C GLY A 158 -21.28 -12.70 13.97
N THR A 159 -20.61 -13.61 14.68
CA THR A 159 -20.33 -13.41 16.10
C THR A 159 -18.90 -13.80 16.42
N PHE A 160 -18.41 -13.27 17.55
CA PHE A 160 -17.19 -13.73 18.17
C PHE A 160 -17.48 -13.97 19.63
N THR A 161 -16.65 -14.79 20.28
CA THR A 161 -16.80 -15.09 21.69
C THR A 161 -15.57 -14.61 22.43
N ILE A 162 -15.75 -14.27 23.70
CA ILE A 162 -14.62 -13.95 24.57
C ILE A 162 -14.76 -14.78 25.83
N THR A 163 -13.69 -15.46 26.22
CA THR A 163 -13.71 -16.35 27.37
C THR A 163 -12.49 -16.02 28.21
N GLU A 164 -12.68 -15.93 29.53
CA GLU A 164 -11.53 -15.80 30.40
C GLU A 164 -10.77 -17.11 30.37
N ASP A 165 -9.48 -17.06 30.09
CA ASP A 165 -8.69 -18.27 29.89
C ASP A 165 -8.03 -18.66 31.21
N THR A 166 -8.65 -19.58 31.94
CA THR A 166 -8.09 -20.07 33.19
C THR A 166 -7.33 -21.38 33.06
N GLU A 167 -7.49 -22.10 31.96
CA GLU A 167 -6.93 -23.43 31.85
C GLU A 167 -5.80 -23.54 30.84
N GLY A 168 -5.54 -22.50 30.05
CA GLY A 168 -4.52 -22.59 29.05
C GLY A 168 -3.15 -22.19 29.56
N PRO A 169 -2.11 -22.51 28.79
CA PRO A 169 -0.76 -22.08 29.19
C PRO A 169 -0.67 -20.57 29.30
N ARG A 170 0.02 -20.11 30.34
CA ARG A 170 0.16 -18.68 30.58
C ARG A 170 1.06 -18.03 29.54
N LEU A 171 0.57 -16.96 28.94
CA LEU A 171 1.38 -16.23 27.98
C LEU A 171 2.39 -15.34 28.68
N GLY A 172 2.13 -14.94 29.92
CA GLY A 172 2.92 -13.92 30.60
C GLY A 172 2.48 -12.54 30.15
N ARG A 173 2.70 -12.24 28.87
CA ARG A 173 2.21 -11.01 28.28
C ARG A 173 2.21 -11.21 26.76
N GLY A 174 1.22 -10.62 26.10
CA GLY A 174 1.26 -10.64 24.64
C GLY A 174 0.04 -11.29 24.00
N THR A 175 0.20 -11.72 22.76
CA THR A 175 -0.91 -12.25 21.99
C THR A 175 -0.46 -13.46 21.19
N SER A 176 -1.27 -14.51 21.22
CA SER A 176 -1.01 -15.69 20.43
C SER A 176 -2.21 -15.91 19.53
N MET A 177 -2.00 -15.78 18.23
CA MET A 177 -3.05 -15.88 17.22
C MET A 177 -2.98 -17.25 16.55
N LYS A 178 -4.01 -18.05 16.72
CA LYS A 178 -4.01 -19.40 16.16
C LYS A 178 -4.97 -19.44 14.97
N LEU A 179 -4.45 -19.64 13.78
CA LEU A 179 -5.27 -19.68 12.57
C LEU A 179 -5.54 -21.13 12.19
N PHE A 180 -6.82 -21.49 12.05
CA PHE A 180 -7.20 -22.82 11.55
C PHE A 180 -7.32 -22.70 10.02
N ILE A 181 -6.31 -23.22 9.32
CA ILE A 181 -6.18 -22.95 7.90
C ILE A 181 -7.24 -23.73 7.12
N LYS A 182 -7.82 -23.08 6.11
CA LYS A 182 -8.85 -23.72 5.26
C LYS A 182 -8.26 -24.93 4.55
N GLU A 183 -9.14 -25.89 4.23
CA GLU A 183 -8.70 -27.19 3.72
C GLU A 183 -7.81 -27.07 2.49
N ASP A 184 -8.15 -26.18 1.56
CA ASP A 184 -7.40 -26.12 0.32
C ASP A 184 -6.24 -25.14 0.38
N LEU A 185 -5.96 -24.54 1.54
CA LEU A 185 -4.90 -23.55 1.67
C LEU A 185 -3.78 -24.03 2.58
N LYS A 186 -3.63 -25.34 2.71
CA LYS A 186 -2.65 -25.86 3.67
C LYS A 186 -1.22 -25.62 3.24
N GLU A 187 -0.99 -25.07 2.05
CA GLU A 187 0.37 -24.69 1.69
C GLU A 187 0.95 -23.73 2.71
N TYR A 188 0.12 -22.95 3.38
CA TYR A 188 0.57 -21.94 4.34
C TYR A 188 1.01 -22.54 5.66
N LEU A 189 0.95 -23.86 5.81
CA LEU A 189 1.59 -24.55 6.90
C LEU A 189 2.94 -25.09 6.49
N GLU A 190 3.28 -25.01 5.21
CA GLU A 190 4.56 -25.56 4.78
C GLU A 190 5.67 -24.61 5.17
N GLU A 191 6.72 -25.18 5.77
CA GLU A 191 7.85 -24.39 6.21
C GLU A 191 8.41 -23.54 5.07
N LYS A 192 8.62 -24.15 3.90
CA LYS A 192 9.26 -23.42 2.81
C LYS A 192 8.39 -22.25 2.34
N ARG A 193 7.08 -22.46 2.28
CA ARG A 193 6.17 -21.38 1.89
C ARG A 193 6.21 -20.25 2.90
N ILE A 194 6.17 -20.57 4.20
CA ILE A 194 6.20 -19.55 5.24
C ILE A 194 7.47 -18.72 5.14
N ARG A 195 8.60 -19.38 5.00
CA ARG A 195 9.88 -18.67 4.94
C ARG A 195 9.97 -17.76 3.71
N GLU A 196 9.51 -18.25 2.55
CA GLU A 196 9.53 -17.41 1.36
C GLU A 196 8.61 -16.20 1.53
N ILE A 197 7.47 -16.37 2.21
CA ILE A 197 6.58 -15.23 2.44
C ILE A 197 7.19 -14.21 3.39
N VAL A 198 7.81 -14.69 4.49
CA VAL A 198 8.43 -13.77 5.45
C VAL A 198 9.56 -12.99 4.77
N LYS A 199 10.34 -13.69 3.96
CA LYS A 199 11.44 -13.07 3.23
C LYS A 199 10.91 -12.03 2.23
N LYS A 200 9.78 -12.30 1.59
CA LYS A 200 9.30 -11.41 0.54
C LYS A 200 8.73 -10.12 1.12
N HIS A 201 7.93 -10.21 2.20
CA HIS A 201 7.20 -9.04 2.69
C HIS A 201 7.62 -8.55 4.08
N SER A 202 8.40 -9.31 4.83
CA SER A 202 8.69 -8.95 6.22
C SER A 202 10.17 -9.14 6.50
N GLU A 203 11.02 -8.74 5.57
CA GLU A 203 12.42 -9.11 5.68
C GLU A 203 13.13 -8.29 6.76
N PHE A 204 12.84 -7.01 6.85
CA PHE A 204 13.52 -6.15 7.82
C PHE A 204 12.48 -5.59 8.79
N ILE A 205 12.44 -6.17 9.99
CA ILE A 205 11.61 -5.66 11.07
C ILE A 205 12.45 -5.59 12.35
N SER A 206 11.92 -4.88 13.33
CA SER A 206 12.73 -4.53 14.48
C SER A 206 12.89 -5.66 15.49
N TYR A 207 12.11 -6.73 15.37
CA TYR A 207 12.14 -7.82 16.34
C TYR A 207 12.57 -9.11 15.68
N PRO A 208 13.14 -10.05 16.44
CA PRO A 208 13.41 -11.39 15.92
C PRO A 208 12.13 -12.08 15.49
N ILE A 209 12.14 -12.67 14.30
CA ILE A 209 11.05 -13.53 13.87
C ILE A 209 11.58 -14.94 13.95
N GLN A 210 10.99 -15.73 14.83
CA GLN A 210 11.42 -17.09 15.05
C GLN A 210 10.40 -18.02 14.41
N LEU A 211 10.89 -19.07 13.77
CA LEU A 211 10.03 -20.09 13.21
C LEU A 211 10.38 -21.38 13.92
N VAL A 212 9.38 -22.06 14.47
CA VAL A 212 9.58 -23.33 15.15
C VAL A 212 9.27 -24.46 14.16
N VAL A 213 10.28 -25.24 13.78
CA VAL A 213 10.08 -26.42 12.94
C VAL A 213 10.21 -27.65 13.81
N THR A 214 9.29 -28.60 13.64
CA THR A 214 9.28 -29.83 14.41
C THR A 214 9.66 -31.02 13.55
N LYS A 215 10.36 -31.98 14.17
CA LYS A 215 10.73 -33.24 13.53
C LYS A 215 10.16 -34.41 14.31
N SER B 4 5.44 31.49 23.23
CA SER B 4 6.58 30.65 23.69
C SER B 4 7.36 31.37 24.79
N MET B 5 7.49 30.73 25.95
CA MET B 5 8.19 31.27 27.15
C MET B 5 9.55 30.60 27.36
N SER B 6 9.74 30.02 28.54
CA SER B 6 11.01 29.35 28.92
C SER B 6 11.28 28.14 28.01
N THR B 7 12.52 28.00 27.59
CA THR B 7 12.97 26.92 26.70
C THR B 7 13.92 26.01 27.49
N GLU B 8 13.66 24.70 27.48
CA GLU B 8 14.52 23.71 28.15
C GLU B 8 15.37 23.02 27.08
N THR B 9 16.66 22.86 27.34
CA THR B 9 17.58 22.21 26.38
C THR B 9 17.86 20.79 26.86
N PHE B 10 17.71 19.82 25.96
CA PHE B 10 17.94 18.39 26.31
C PHE B 10 18.97 17.78 25.36
N GLY B 11 19.79 16.90 25.90
CA GLY B 11 20.73 16.16 25.07
C GLY B 11 20.02 15.00 24.43
N PHE B 12 20.33 14.71 23.18
CA PHE B 12 19.71 13.52 22.58
C PHE B 12 20.38 12.30 23.21
N GLN B 13 19.68 11.17 23.26
CA GLN B 13 20.28 9.89 23.63
C GLN B 13 21.33 9.48 22.59
N ALA B 14 22.33 8.72 23.03
CA ALA B 14 23.48 8.42 22.17
C ALA B 14 23.06 7.82 20.83
N GLU B 15 22.12 6.87 20.85
CA GLU B 15 21.69 6.18 19.63
C GLU B 15 21.09 7.15 18.62
N ILE B 16 20.33 8.15 19.08
CA ILE B 16 19.72 9.11 18.18
C ILE B 16 20.78 10.02 17.56
N SER B 17 21.75 10.47 18.36
CA SER B 17 22.85 11.24 17.77
C SER B 17 23.62 10.41 16.76
N GLN B 18 23.77 9.11 17.03
CA GLN B 18 24.43 8.25 16.05
C GLN B 18 23.61 8.13 14.77
N LEU B 19 22.30 8.01 14.91
CA LEU B 19 21.42 7.93 13.75
C LEU B 19 21.46 9.22 12.93
N LEU B 20 21.37 10.37 13.61
CA LEU B 20 21.36 11.64 12.92
C LEU B 20 22.65 11.85 12.14
N ASP B 21 23.79 11.43 12.72
CA ASP B 21 25.05 11.58 12.01
C ASP B 21 25.08 10.74 10.75
N LEU B 22 24.46 9.57 10.83
CA LEU B 22 24.37 8.66 9.65
C LEU B 22 23.52 9.34 8.58
N ILE B 23 22.33 9.79 8.97
CA ILE B 23 21.35 10.40 8.04
C ILE B 23 21.93 11.66 7.41
N ILE B 24 22.65 12.47 8.17
CA ILE B 24 23.12 13.78 7.65
C ILE B 24 24.44 13.71 6.87
N ASN B 25 25.33 12.78 7.21
CA ASN B 25 26.65 12.78 6.61
C ASN B 25 26.89 11.61 5.68
N THR B 26 25.84 10.91 5.27
CA THR B 26 26.00 9.84 4.30
C THR B 26 25.26 10.24 3.04
N PHE B 27 25.87 9.99 1.89
CA PHE B 27 25.21 10.32 0.65
C PHE B 27 24.18 9.25 0.38
N TYR B 28 22.93 9.66 0.26
CA TYR B 28 21.84 8.81 -0.16
C TYR B 28 21.15 9.63 -1.24
N SER B 29 21.00 9.04 -2.42
N SER B 29 21.00 9.04 -2.42
CA SER B 29 20.45 9.80 -3.53
CA SER B 29 20.45 9.82 -3.51
C SER B 29 18.93 9.96 -3.44
C SER B 29 18.93 10.00 -3.39
N ASN B 30 18.25 9.03 -2.78
CA ASN B 30 16.79 8.98 -2.79
C ASN B 30 16.20 9.73 -1.59
N LYS B 31 16.54 11.02 -1.49
CA LYS B 31 16.16 11.74 -0.27
C LYS B 31 14.65 11.93 -0.15
N GLU B 32 13.92 11.77 -1.25
CA GLU B 32 12.46 12.04 -1.29
C GLU B 32 11.67 11.15 -0.33
N ILE B 33 12.31 10.13 0.27
CA ILE B 33 11.61 9.20 1.21
C ILE B 33 11.18 9.92 2.51
N PHE B 34 11.78 11.05 2.87
CA PHE B 34 11.44 11.82 4.08
C PHE B 34 9.94 12.17 4.06
N LEU B 35 9.38 12.50 2.89
CA LEU B 35 7.98 12.97 2.84
C LEU B 35 7.07 11.77 3.05
N ARG B 36 7.46 10.61 2.51
CA ARG B 36 6.66 9.39 2.69
C ARG B 36 6.62 9.07 4.19
N GLU B 37 7.76 9.17 4.86
CA GLU B 37 7.84 8.84 6.31
C GLU B 37 6.99 9.79 7.15
N LEU B 38 7.07 11.10 6.89
CA LEU B 38 6.27 12.08 7.67
C LEU B 38 4.79 11.89 7.42
N ILE B 39 4.40 11.62 6.18
CA ILE B 39 2.96 11.41 5.82
C ILE B 39 2.46 10.14 6.53
N SER B 40 3.31 9.12 6.58
N SER B 40 3.31 9.11 6.58
CA SER B 40 2.99 7.83 7.23
CA SER B 40 3.01 7.81 7.26
C SER B 40 2.84 8.04 8.74
C SER B 40 2.84 8.05 8.75
N ASN B 41 3.70 8.88 9.32
CA ASN B 41 3.61 9.17 10.74
C ASN B 41 2.35 9.98 11.05
N SER B 42 2.01 10.94 10.18
CA SER B 42 0.76 11.67 10.36
C SER B 42 -0.44 10.74 10.30
N SER B 43 -0.43 9.80 9.35
CA SER B 43 -1.51 8.82 9.25
C SER B 43 -1.64 7.99 10.53
N ASP B 44 -0.53 7.54 11.09
CA ASP B 44 -0.56 6.83 12.37
C ASP B 44 -1.14 7.71 13.46
N ALA B 45 -0.75 8.99 13.50
CA ALA B 45 -1.26 9.89 14.54
C ALA B 45 -2.76 10.11 14.39
N LEU B 46 -3.25 10.13 13.15
CA LEU B 46 -4.69 10.23 12.94
C LEU B 46 -5.41 8.94 13.36
N ASP B 47 -4.85 7.78 13.06
CA ASP B 47 -5.47 6.55 13.56
C ASP B 47 -5.58 6.59 15.08
N LYS B 48 -4.53 7.08 15.75
CA LYS B 48 -4.54 7.09 17.20
C LYS B 48 -5.68 7.95 17.76
N ILE B 49 -5.91 9.15 17.23
CA ILE B 49 -7.00 9.95 17.79
C ILE B 49 -8.34 9.30 17.46
N ARG B 50 -8.47 8.71 16.28
CA ARG B 50 -9.70 8.02 15.95
C ARG B 50 -9.97 6.89 16.93
N TYR B 51 -8.92 6.15 17.31
CA TYR B 51 -9.08 5.06 18.26
C TYR B 51 -9.49 5.60 19.64
N ALA B 52 -8.78 6.63 20.11
CA ALA B 52 -9.13 7.23 21.41
C ALA B 52 -10.58 7.70 21.44
N ALA B 53 -11.07 8.21 20.32
CA ALA B 53 -12.43 8.74 20.25
C ALA B 53 -13.50 7.66 20.25
N LEU B 54 -13.13 6.39 20.03
CA LEU B 54 -14.13 5.32 20.06
C LEU B 54 -14.75 5.18 21.44
N THR B 55 -13.92 5.23 22.47
CA THR B 55 -14.46 5.09 23.82
C THR B 55 -14.66 6.42 24.51
N ASP B 56 -14.12 7.52 23.96
CA ASP B 56 -14.36 8.86 24.49
C ASP B 56 -14.53 9.82 23.31
N PRO B 57 -15.76 9.97 22.81
CA PRO B 57 -15.98 10.83 21.63
C PRO B 57 -15.56 12.27 21.81
N SER B 58 -15.53 12.79 23.04
CA SER B 58 -15.11 14.18 23.22
C SER B 58 -13.65 14.40 22.85
N GLN B 59 -12.88 13.31 22.64
CA GLN B 59 -11.50 13.45 22.19
C GLN B 59 -11.39 14.22 20.88
N LEU B 60 -12.46 14.24 20.08
CA LEU B 60 -12.43 14.97 18.82
C LEU B 60 -12.88 16.42 18.96
N ASP B 61 -13.34 16.84 20.15
CA ASP B 61 -13.86 18.20 20.31
C ASP B 61 -12.79 19.24 20.02
N SER B 62 -11.53 18.93 20.35
CA SER B 62 -10.46 19.88 20.09
C SER B 62 -10.26 20.12 18.60
N GLU B 63 -10.71 19.20 17.74
CA GLU B 63 -10.63 19.35 16.28
C GLU B 63 -11.25 18.16 15.56
N LYS B 64 -12.40 18.37 14.89
CA LYS B 64 -13.14 17.27 14.28
C LYS B 64 -12.66 16.92 12.88
N ASP B 65 -11.93 17.82 12.22
CA ASP B 65 -11.51 17.58 10.85
C ASP B 65 -10.18 16.82 10.88
N LEU B 66 -10.15 15.63 10.27
CA LEU B 66 -8.98 14.75 10.28
C LEU B 66 -8.29 14.82 8.91
N TYR B 67 -7.10 15.39 8.87
CA TYR B 67 -6.45 15.55 7.57
C TYR B 67 -4.95 15.65 7.72
N ILE B 68 -4.27 15.55 6.57
CA ILE B 68 -2.83 15.75 6.42
C ILE B 68 -2.67 16.87 5.42
N ARG B 69 -1.89 17.90 5.77
CA ARG B 69 -1.76 19.04 4.87
C ARG B 69 -0.29 19.43 4.73
N ILE B 70 0.13 19.66 3.50
CA ILE B 70 1.50 20.02 3.16
C ILE B 70 1.54 21.47 2.71
N ILE B 71 2.41 22.30 3.32
CA ILE B 71 2.47 23.73 3.01
C ILE B 71 3.92 24.13 2.71
N PRO B 72 4.31 24.21 1.44
CA PRO B 72 5.63 24.79 1.13
C PRO B 72 5.60 26.31 1.25
N ASN B 73 6.73 26.87 1.68
CA ASN B 73 6.88 28.34 1.76
C ASN B 73 8.28 28.69 1.22
N LYS B 74 8.36 29.02 -0.06
CA LYS B 74 9.67 29.27 -0.67
C LYS B 74 10.31 30.53 -0.11
N GLU B 75 9.52 31.54 0.26
CA GLU B 75 10.12 32.75 0.81
C GLU B 75 10.83 32.46 2.13
N GLU B 76 10.22 31.63 2.98
CA GLU B 76 10.83 31.24 4.25
C GLU B 76 11.77 30.05 4.10
N GLY B 77 11.74 29.35 2.96
CA GLY B 77 12.56 28.18 2.78
C GLY B 77 12.14 26.98 3.60
N THR B 78 10.84 26.82 3.83
CA THR B 78 10.33 25.79 4.70
C THR B 78 9.27 24.94 4.01
N LEU B 79 9.18 23.69 4.42
CA LEU B 79 8.10 22.78 4.05
C LEU B 79 7.41 22.37 5.34
N THR B 80 6.11 22.63 5.43
CA THR B 80 5.37 22.29 6.64
C THR B 80 4.43 21.14 6.35
N ILE B 81 4.45 20.13 7.23
CA ILE B 81 3.49 19.04 7.21
C ILE B 81 2.67 19.14 8.47
N ARG B 82 1.39 19.30 8.32
CA ARG B 82 0.48 19.43 9.45
C ARG B 82 -0.58 18.34 9.40
N ASP B 83 -0.83 17.71 10.56
CA ASP B 83 -1.95 16.79 10.68
C ASP B 83 -2.74 17.14 11.94
N THR B 84 -3.98 16.70 12.00
CA THR B 84 -4.82 16.86 13.18
C THR B 84 -4.92 15.55 13.95
N GLY B 85 -3.79 14.86 14.08
CA GLY B 85 -3.75 13.59 14.79
C GLY B 85 -3.81 13.80 16.29
N ILE B 86 -3.36 12.77 17.02
CA ILE B 86 -3.48 12.78 18.47
C ILE B 86 -2.55 13.80 19.13
N GLY B 87 -1.48 14.24 18.44
CA GLY B 87 -0.54 15.18 19.05
C GLY B 87 0.42 14.48 20.00
N MET B 88 1.30 15.25 20.61
CA MET B 88 2.27 14.68 21.56
C MET B 88 2.28 15.50 22.85
N THR B 89 2.44 14.82 23.98
CA THR B 89 2.56 15.52 25.28
C THR B 89 4.00 15.96 25.47
N LYS B 90 4.30 16.68 26.54
CA LYS B 90 5.70 17.05 26.78
C LYS B 90 6.54 15.79 26.98
N ALA B 91 6.02 14.80 27.70
CA ALA B 91 6.71 13.51 27.93
C ALA B 91 6.96 12.80 26.59
N ASP B 92 6.00 12.90 25.66
CA ASP B 92 6.18 12.28 24.31
C ASP B 92 7.33 12.98 23.59
N LEU B 93 7.38 14.31 23.64
CA LEU B 93 8.45 15.06 22.95
C LEU B 93 9.82 14.64 23.50
N VAL B 94 9.94 14.55 24.82
CA VAL B 94 11.21 14.16 25.45
C VAL B 94 11.57 12.74 25.07
N ASN B 95 10.56 11.85 25.04
CA ASN B 95 10.76 10.46 24.66
C ASN B 95 10.85 10.30 23.15
N ASN B 96 11.75 11.08 22.55
CA ASN B 96 12.04 10.97 21.13
C ASN B 96 10.78 11.06 20.29
N LEU B 97 9.94 12.05 20.64
CA LEU B 97 8.73 12.36 19.88
C LEU B 97 7.81 11.14 19.81
N GLY B 98 7.60 10.49 20.95
CA GLY B 98 6.65 9.37 21.04
C GLY B 98 7.07 8.13 20.27
N THR B 99 8.37 7.97 20.03
CA THR B 99 8.88 6.78 19.29
C THR B 99 9.78 5.95 20.21
N ILE B 100 10.04 4.70 19.82
CA ILE B 100 11.03 3.83 20.53
C ILE B 100 12.37 3.98 19.80
N ALA B 101 12.86 5.22 19.66
CA ALA B 101 14.04 5.57 18.84
C ALA B 101 15.30 4.85 19.31
N LYS B 102 15.52 4.71 20.60
CA LYS B 102 16.79 4.04 21.02
C LYS B 102 16.85 2.59 20.55
N SER B 103 15.80 1.80 20.78
CA SER B 103 15.76 0.40 20.31
C SER B 103 15.65 0.34 18.78
N GLY B 104 14.84 1.22 18.20
CA GLY B 104 14.63 1.25 16.74
C GLY B 104 15.92 1.56 16.00
N THR B 105 16.71 2.50 16.52
CA THR B 105 17.99 2.88 15.87
C THR B 105 18.92 1.67 15.87
N LYS B 106 18.99 0.97 17.00
CA LYS B 106 19.89 -0.18 17.09
C LYS B 106 19.49 -1.24 16.06
N ALA B 107 18.19 -1.56 16.00
CA ALA B 107 17.70 -2.53 15.03
C ALA B 107 17.94 -2.04 13.60
N PHE B 108 17.66 -0.77 13.33
CA PHE B 108 17.87 -0.20 12.00
C PHE B 108 19.34 -0.31 11.57
N MET B 109 20.27 0.05 12.45
CA MET B 109 21.67 -0.01 12.06
C MET B 109 22.18 -1.43 11.92
N GLU B 110 21.68 -2.35 12.74
N GLU B 110 21.69 -2.36 12.75
CA GLU B 110 21.97 -3.76 12.49
CA GLU B 110 21.96 -3.76 12.49
C GLU B 110 21.41 -4.18 11.13
C GLU B 110 21.43 -4.16 11.12
N ALA B 111 20.22 -3.68 10.78
CA ALA B 111 19.63 -4.04 9.50
C ALA B 111 20.44 -3.46 8.34
N LEU B 112 20.93 -2.22 8.47
CA LEU B 112 21.73 -1.62 7.41
C LEU B 112 23.03 -2.41 7.18
N SER B 113 23.59 -2.98 8.24
CA SER B 113 24.77 -3.83 8.09
C SER B 113 24.43 -5.16 7.46
N SER B 114 23.16 -5.55 7.42
CA SER B 114 22.75 -6.65 6.54
C SER B 114 22.27 -6.00 5.26
N GLY B 115 21.25 -6.55 4.63
CA GLY B 115 20.87 -5.90 3.38
C GLY B 115 19.98 -4.68 3.41
N ALA B 116 19.68 -4.06 4.55
CA ALA B 116 18.72 -2.97 4.58
C ALA B 116 19.24 -1.70 3.90
N ASP B 117 18.30 -0.81 3.65
CA ASP B 117 18.48 0.46 2.95
C ASP B 117 17.81 1.59 3.74
N ILE B 118 18.39 2.81 3.72
CA ILE B 118 17.84 4.04 4.36
C ILE B 118 16.32 4.14 4.13
N SER B 119 15.80 3.66 3.00
CA SER B 119 14.34 3.73 2.69
C SER B 119 13.50 2.91 3.69
N MET B 120 14.11 1.94 4.35
CA MET B 120 13.37 1.06 5.29
C MET B 120 13.37 1.66 6.69
N ILE B 121 13.73 2.93 6.82
CA ILE B 121 13.84 3.57 8.15
C ILE B 121 12.50 3.52 8.89
N GLY B 122 11.37 3.72 8.20
CA GLY B 122 10.05 3.71 8.86
C GLY B 122 9.72 2.36 9.44
N GLN B 123 10.33 1.32 8.91
CA GLN B 123 10.09 -0.05 9.43
C GLN B 123 10.57 -0.15 10.89
N PHE B 124 11.59 0.65 11.26
CA PHE B 124 12.17 0.65 12.61
C PHE B 124 11.56 1.75 13.51
N GLY B 125 10.52 2.44 13.04
CA GLY B 125 9.83 3.46 13.85
C GLY B 125 10.66 4.71 14.07
N VAL B 126 11.64 4.97 13.21
CA VAL B 126 12.49 6.19 13.34
C VAL B 126 12.41 7.05 12.06
N GLY B 127 11.26 6.99 11.36
CA GLY B 127 11.01 7.72 10.10
C GLY B 127 11.11 9.24 10.27
N PHE B 128 10.76 9.77 11.44
CA PHE B 128 10.79 11.23 11.69
C PHE B 128 12.20 11.80 11.46
N TYR B 129 13.25 11.04 11.78
CA TYR B 129 14.65 11.54 11.68
C TYR B 129 15.10 11.65 10.21
N SER B 130 14.33 11.07 9.27
CA SER B 130 14.62 11.18 7.81
C SER B 130 14.52 12.64 7.39
N SER B 131 13.81 13.46 8.17
N SER B 131 13.84 13.46 8.19
CA SER B 131 13.67 14.91 7.86
CA SER B 131 13.66 14.90 7.86
C SER B 131 15.05 15.55 7.72
C SER B 131 15.05 15.55 7.72
N TYR B 132 16.04 15.03 8.44
CA TYR B 132 17.42 15.62 8.41
C TYR B 132 18.14 15.33 7.09
N LEU B 133 17.59 14.46 6.24
CA LEU B 133 18.17 14.26 4.88
C LEU B 133 18.05 15.58 4.12
N VAL B 134 16.95 16.34 4.32
CA VAL B 134 16.71 17.58 3.55
C VAL B 134 16.66 18.83 4.44
N ALA B 135 16.54 18.71 5.76
CA ALA B 135 16.36 19.88 6.61
C ALA B 135 17.63 20.17 7.40
N GLU B 136 17.99 21.45 7.51
CA GLU B 136 19.05 21.84 8.43
C GLU B 136 18.52 21.98 9.86
N LYS B 137 17.22 22.24 10.03
CA LYS B 137 16.64 22.22 11.37
C LYS B 137 15.16 21.95 11.21
N VAL B 138 14.57 21.43 12.27
CA VAL B 138 13.14 21.09 12.27
C VAL B 138 12.53 21.70 13.51
N GLN B 139 11.36 22.31 13.36
CA GLN B 139 10.55 22.77 14.47
C GLN B 139 9.24 22.02 14.44
N VAL B 140 8.92 21.34 15.54
CA VAL B 140 7.68 20.55 15.65
C VAL B 140 6.81 21.27 16.66
N THR B 141 5.66 21.78 16.22
CA THR B 141 4.66 22.34 17.13
C THR B 141 3.64 21.25 17.36
N THR B 142 3.22 21.04 18.60
CA THR B 142 2.32 19.92 18.77
C THR B 142 1.35 20.20 19.91
N LYS B 143 0.16 19.60 19.86
CA LYS B 143 -0.85 19.81 20.88
C LYS B 143 -1.60 18.51 21.11
N HIS B 144 -1.51 17.98 22.31
CA HIS B 144 -2.22 16.78 22.72
C HIS B 144 -3.33 17.19 23.69
N ASN B 145 -4.48 16.49 23.62
CA ASN B 145 -5.60 16.83 24.48
C ASN B 145 -5.20 16.91 25.95
N ASP B 146 -4.21 16.14 26.39
CA ASP B 146 -3.92 16.11 27.82
C ASP B 146 -2.89 17.16 28.25
N ASP B 147 -2.45 18.06 27.37
CA ASP B 147 -1.27 18.84 27.66
C ASP B 147 -1.35 20.19 26.94
N GLU B 148 -0.33 21.03 27.15
CA GLU B 148 -0.26 22.34 26.52
C GLU B 148 0.34 22.23 25.13
N GLN B 149 0.29 23.33 24.39
CA GLN B 149 0.94 23.36 23.07
C GLN B 149 2.43 23.58 23.24
N TYR B 150 3.26 22.77 22.55
CA TYR B 150 4.72 22.87 22.71
C TYR B 150 5.40 23.03 21.35
N ILE B 151 6.64 23.51 21.41
CA ILE B 151 7.51 23.60 20.22
C ILE B 151 8.81 22.85 20.50
N TRP B 152 9.06 21.77 19.76
CA TRP B 152 10.31 21.04 19.81
C TRP B 152 11.17 21.54 18.65
N GLU B 153 12.45 21.73 18.89
CA GLU B 153 13.32 22.21 17.81
C GLU B 153 14.69 21.59 17.92
N SER B 154 15.29 21.25 16.78
CA SER B 154 16.68 20.77 16.80
C SER B 154 17.31 21.01 15.44
N ALA B 155 18.59 21.38 15.45
CA ALA B 155 19.41 21.37 14.24
C ALA B 155 20.33 20.15 14.20
N ALA B 156 20.00 19.11 14.98
CA ALA B 156 20.75 17.85 14.98
C ALA B 156 22.22 18.07 15.33
N GLY B 157 22.47 18.92 16.33
CA GLY B 157 23.81 19.07 16.86
C GLY B 157 23.99 18.53 18.27
N GLY B 158 23.30 17.47 18.63
CA GLY B 158 23.50 16.87 19.95
C GLY B 158 22.41 17.19 20.96
N THR B 159 21.68 18.26 20.69
CA THR B 159 20.61 18.65 21.62
C THR B 159 19.35 19.07 20.87
N PHE B 160 18.25 19.08 21.61
CA PHE B 160 16.94 19.57 21.13
C PHE B 160 16.37 20.47 22.22
N THR B 161 15.45 21.35 21.86
CA THR B 161 14.84 22.21 22.90
C THR B 161 13.33 22.01 22.90
N ILE B 162 12.72 22.10 24.07
CA ILE B 162 11.24 22.05 24.18
C ILE B 162 10.81 23.38 24.81
N THR B 163 9.85 24.05 24.20
CA THR B 163 9.39 25.36 24.71
C THR B 163 7.86 25.38 24.75
N GLU B 164 7.29 25.81 25.87
CA GLU B 164 5.84 25.94 25.93
C GLU B 164 5.43 27.04 24.96
N ASP B 165 4.54 26.70 24.03
CA ASP B 165 4.12 27.65 22.96
C ASP B 165 2.90 28.45 23.43
N THR B 166 3.14 29.65 23.94
CA THR B 166 2.03 30.48 24.38
C THR B 166 1.66 31.60 23.41
N GLU B 167 2.50 31.92 22.42
CA GLU B 167 2.22 33.05 21.55
C GLU B 167 1.88 32.67 20.12
N GLY B 168 2.04 31.41 19.73
CA GLY B 168 1.86 31.02 18.36
C GLY B 168 0.40 30.67 18.06
N PRO B 169 0.08 30.51 16.77
CA PRO B 169 -1.29 30.11 16.42
C PRO B 169 -1.65 28.76 17.04
N ARG B 170 -2.87 28.68 17.56
CA ARG B 170 -3.33 27.46 18.21
C ARG B 170 -3.55 26.36 17.17
N LEU B 171 -3.00 25.18 17.45
CA LEU B 171 -3.24 24.01 16.60
C LEU B 171 -4.61 23.40 16.86
N GLY B 172 -5.15 23.58 18.07
CA GLY B 172 -6.33 22.87 18.48
C GLY B 172 -5.98 21.47 18.96
N ARG B 173 -5.47 20.66 18.03
CA ARG B 173 -4.92 19.34 18.33
C ARG B 173 -4.07 18.91 17.15
N GLY B 174 -3.01 18.18 17.43
CA GLY B 174 -2.24 17.61 16.34
C GLY B 174 -0.80 18.06 16.32
N THR B 175 -0.16 17.96 15.17
CA THR B 175 1.26 18.24 15.06
C THR B 175 1.53 19.00 13.77
N SER B 176 2.34 20.05 13.87
CA SER B 176 2.76 20.78 12.69
C SER B 176 4.28 20.76 12.63
N MET B 177 4.82 20.12 11.61
CA MET B 177 6.25 19.89 11.43
C MET B 177 6.82 20.85 10.40
N LYS B 178 7.70 21.75 10.82
CA LYS B 178 8.24 22.75 9.92
C LYS B 178 9.69 22.41 9.64
N LEU B 179 9.98 22.08 8.39
CA LEU B 179 11.32 21.69 7.97
C LEU B 179 12.01 22.88 7.30
N PHE B 180 13.18 23.26 7.81
CA PHE B 180 13.96 24.33 7.20
C PHE B 180 14.92 23.67 6.20
N ILE B 181 14.59 23.78 4.92
CA ILE B 181 15.27 23.00 3.88
C ILE B 181 16.68 23.53 3.60
N LYS B 182 17.63 22.61 3.40
CA LYS B 182 19.01 22.98 3.11
C LYS B 182 19.07 23.78 1.81
N GLU B 183 20.08 24.66 1.71
CA GLU B 183 20.13 25.60 0.60
C GLU B 183 20.18 24.89 -0.75
N ASP B 184 20.86 23.77 -0.84
CA ASP B 184 21.01 23.11 -2.13
C ASP B 184 19.91 22.11 -2.42
N LEU B 185 18.92 21.99 -1.54
CA LEU B 185 17.85 21.00 -1.68
C LEU B 185 16.47 21.62 -1.84
N LYS B 186 16.42 22.87 -2.32
CA LYS B 186 15.15 23.57 -2.41
C LYS B 186 14.22 23.00 -3.48
N GLU B 187 14.65 22.00 -4.27
CA GLU B 187 13.70 21.32 -5.14
C GLU B 187 12.52 20.76 -4.37
N TYR B 188 12.71 20.41 -3.09
CA TYR B 188 11.66 19.82 -2.30
C TYR B 188 10.62 20.83 -1.85
N LEU B 189 10.79 22.11 -2.18
CA LEU B 189 9.75 23.09 -2.03
C LEU B 189 8.94 23.32 -3.30
N GLU B 190 9.37 22.74 -4.43
CA GLU B 190 8.68 22.92 -5.69
C GLU B 190 7.39 22.11 -5.69
N GLU B 191 6.31 22.73 -6.18
CA GLU B 191 5.03 22.06 -6.25
C GLU B 191 5.14 20.75 -7.04
N LYS B 192 5.78 20.80 -8.21
CA LYS B 192 5.81 19.62 -9.06
C LYS B 192 6.57 18.47 -8.40
N ARG B 193 7.68 18.79 -7.73
CA ARG B 193 8.45 17.75 -7.03
C ARG B 193 7.63 17.12 -5.91
N ILE B 194 7.01 17.97 -5.09
CA ILE B 194 6.19 17.47 -3.99
C ILE B 194 5.08 16.57 -4.51
N ARG B 195 4.40 16.99 -5.58
CA ARG B 195 3.27 16.21 -6.07
C ARG B 195 3.71 14.85 -6.62
N GLU B 196 4.84 14.82 -7.30
CA GLU B 196 5.38 13.55 -7.84
C GLU B 196 5.58 12.57 -6.69
N ILE B 197 6.17 13.05 -5.59
CA ILE B 197 6.48 12.21 -4.40
C ILE B 197 5.18 11.70 -3.76
N VAL B 198 4.20 12.57 -3.56
CA VAL B 198 2.93 12.19 -2.92
C VAL B 198 2.17 11.19 -3.80
N LYS B 199 2.24 11.36 -5.13
CA LYS B 199 1.48 10.48 -6.05
C LYS B 199 1.74 9.03 -5.67
N LYS B 200 3.00 8.64 -5.59
CA LYS B 200 3.32 7.24 -5.17
C LYS B 200 2.81 6.95 -3.75
N HIS B 201 3.01 7.85 -2.79
CA HIS B 201 2.66 7.60 -1.36
C HIS B 201 1.14 7.59 -1.12
N SER B 202 0.37 8.25 -1.97
CA SER B 202 -1.10 8.35 -1.78
C SER B 202 -1.73 6.97 -1.84
N GLU B 203 -1.20 6.09 -2.70
CA GLU B 203 -1.71 4.70 -2.77
C GLU B 203 -1.61 4.02 -1.40
N PHE B 204 -0.61 4.38 -0.61
CA PHE B 204 -0.37 3.75 0.72
C PHE B 204 -1.02 4.55 1.86
N ILE B 205 -1.72 5.65 1.59
CA ILE B 205 -2.34 6.45 2.70
C ILE B 205 -3.86 6.50 2.55
N SER B 206 -4.59 6.23 3.64
CA SER B 206 -6.07 6.23 3.61
C SER B 206 -6.64 7.64 3.75
N TYR B 207 -5.94 8.53 4.45
CA TYR B 207 -6.43 9.92 4.67
C TYR B 207 -6.15 10.78 3.44
N PRO B 208 -6.98 11.82 3.21
CA PRO B 208 -6.77 12.73 2.09
C PRO B 208 -5.50 13.53 2.37
N ILE B 209 -4.63 13.66 1.39
CA ILE B 209 -3.40 14.46 1.58
C ILE B 209 -3.60 15.76 0.81
N GLN B 210 -3.62 16.87 1.53
CA GLN B 210 -3.87 18.20 0.93
C GLN B 210 -2.55 18.93 0.74
N LEU B 211 -2.40 19.58 -0.40
CA LEU B 211 -1.23 20.40 -0.67
C LEU B 211 -1.72 21.82 -0.91
N VAL B 212 -1.12 22.77 -0.19
CA VAL B 212 -1.50 24.19 -0.39
C VAL B 212 -0.58 24.74 -1.47
N VAL B 213 -1.18 25.13 -2.58
CA VAL B 213 -0.43 25.71 -3.73
C VAL B 213 -0.72 27.21 -3.72
N THR B 214 0.30 28.05 -3.76
CA THR B 214 0.04 29.51 -3.78
C THR B 214 0.23 30.00 -5.20
N LYS B 215 -0.75 30.75 -5.71
CA LYS B 215 -0.72 31.26 -7.09
C LYS B 215 -0.05 32.64 -7.09
N SER C 6 8.72 3.89 -44.40
CA SER C 6 9.78 3.89 -43.41
C SER C 6 9.38 3.50 -41.99
N THR C 7 10.31 2.88 -41.29
CA THR C 7 10.12 2.44 -39.92
C THR C 7 11.07 3.23 -39.04
N GLU C 8 10.53 3.80 -37.97
CA GLU C 8 11.34 4.57 -36.99
C GLU C 8 11.41 3.76 -35.69
N THR C 9 12.58 3.71 -35.06
CA THR C 9 12.81 2.99 -33.82
C THR C 9 12.97 3.98 -32.67
N PHE C 10 12.25 3.73 -31.59
CA PHE C 10 12.23 4.59 -30.41
C PHE C 10 12.62 3.74 -29.20
N GLY C 11 13.26 4.37 -28.23
CA GLY C 11 13.44 3.72 -26.96
C GLY C 11 12.22 3.94 -26.08
N PHE C 12 11.89 2.93 -25.28
CA PHE C 12 10.91 3.11 -24.22
C PHE C 12 11.45 4.06 -23.17
N GLN C 13 10.55 4.87 -22.60
CA GLN C 13 10.93 5.65 -21.43
C GLN C 13 11.40 4.70 -20.33
N ALA C 14 12.33 5.18 -19.50
CA ALA C 14 13.02 4.30 -18.55
C ALA C 14 12.05 3.54 -17.66
N GLU C 15 11.06 4.24 -17.08
CA GLU C 15 10.09 3.58 -16.19
C GLU C 15 9.29 2.53 -16.93
N ILE C 16 9.02 2.73 -18.22
CA ILE C 16 8.27 1.74 -18.98
C ILE C 16 9.11 0.49 -19.18
N SER C 17 10.41 0.65 -19.48
CA SER C 17 11.25 -0.53 -19.58
C SER C 17 11.32 -1.24 -18.24
N GLN C 18 11.36 -0.48 -17.16
CA GLN C 18 11.41 -1.11 -15.85
C GLN C 18 10.12 -1.88 -15.61
N LEU C 19 8.99 -1.27 -15.99
CA LEU C 19 7.68 -1.94 -15.85
C LEU C 19 7.61 -3.20 -16.71
N LEU C 20 8.07 -3.11 -17.96
CA LEU C 20 8.00 -4.30 -18.82
C LEU C 20 8.83 -5.44 -18.24
N ASP C 21 9.99 -5.12 -17.67
CA ASP C 21 10.81 -6.19 -17.07
C ASP C 21 10.10 -6.84 -15.90
N LEU C 22 9.39 -6.04 -15.09
CA LEU C 22 8.60 -6.58 -13.96
C LEU C 22 7.49 -7.49 -14.44
N ILE C 23 6.77 -7.05 -15.46
CA ILE C 23 5.65 -7.82 -16.02
C ILE C 23 6.16 -9.12 -16.65
N ILE C 24 7.28 -9.05 -17.38
CA ILE C 24 7.70 -10.18 -18.18
C ILE C 24 8.52 -11.20 -17.38
N ASN C 25 9.35 -10.74 -16.44
CA ASN C 25 10.30 -11.63 -15.79
C ASN C 25 9.96 -11.97 -14.34
N THR C 26 8.75 -11.69 -13.91
CA THR C 26 8.25 -12.18 -12.63
C THR C 26 7.05 -13.07 -12.93
N PHE C 27 6.88 -14.11 -12.13
CA PHE C 27 5.72 -14.98 -12.28
C PHE C 27 4.47 -14.35 -11.68
N TYR C 28 3.38 -14.31 -12.46
CA TYR C 28 2.06 -13.94 -11.97
C TYR C 28 1.09 -15.03 -12.39
N SER C 29 0.28 -15.53 -11.45
CA SER C 29 -0.74 -16.49 -11.81
C SER C 29 -1.91 -15.84 -12.56
N ASN C 30 -2.26 -14.59 -12.25
CA ASN C 30 -3.51 -13.98 -12.71
C ASN C 30 -3.34 -13.36 -14.10
N LYS C 31 -2.81 -14.15 -15.04
CA LYS C 31 -2.46 -13.59 -16.33
C LYS C 31 -3.69 -13.21 -17.14
N GLU C 32 -4.84 -13.86 -16.90
CA GLU C 32 -6.01 -13.63 -17.73
C GLU C 32 -6.52 -12.19 -17.71
N ILE C 33 -6.12 -11.40 -16.72
CA ILE C 33 -6.58 -10.02 -16.68
C ILE C 33 -6.08 -9.17 -17.83
N PHE C 34 -5.07 -9.63 -18.61
CA PHE C 34 -4.65 -8.85 -19.77
C PHE C 34 -5.85 -8.56 -20.67
N LEU C 35 -6.76 -9.52 -20.80
CA LEU C 35 -7.87 -9.35 -21.74
C LEU C 35 -8.88 -8.37 -21.20
N ARG C 36 -9.11 -8.37 -19.88
CA ARG C 36 -9.93 -7.33 -19.28
C ARG C 36 -9.34 -5.95 -19.57
N GLU C 37 -8.01 -5.82 -19.48
CA GLU C 37 -7.40 -4.50 -19.66
C GLU C 37 -7.50 -4.03 -21.10
N LEU C 38 -7.23 -4.90 -22.08
CA LEU C 38 -7.37 -4.47 -23.47
C LEU C 38 -8.82 -4.13 -23.78
N ILE C 39 -9.77 -4.90 -23.26
CA ILE C 39 -11.18 -4.63 -23.52
C ILE C 39 -11.59 -3.29 -22.90
N SER C 40 -11.16 -3.06 -21.65
CA SER C 40 -11.42 -1.78 -21.01
C SER C 40 -10.82 -0.63 -21.80
N ASN C 41 -9.58 -0.77 -22.27
CA ASN C 41 -8.96 0.27 -23.08
C ASN C 41 -9.76 0.51 -24.36
N SER C 42 -10.23 -0.56 -24.99
CA SER C 42 -11.07 -0.40 -26.17
C SER C 42 -12.35 0.36 -25.83
N SER C 43 -12.98 0.03 -24.71
CA SER C 43 -14.19 0.75 -24.33
C SER C 43 -13.90 2.24 -24.18
N ASP C 44 -12.75 2.57 -23.57
CA ASP C 44 -12.38 3.98 -23.44
C ASP C 44 -12.21 4.63 -24.81
N ALA C 45 -11.59 3.94 -25.76
CA ALA C 45 -11.41 4.53 -27.07
C ALA C 45 -12.74 4.70 -27.78
N LEU C 46 -13.67 3.77 -27.57
CA LEU C 46 -15.00 3.93 -28.16
C LEU C 46 -15.75 5.08 -27.52
N ASP C 47 -15.64 5.24 -26.20
CA ASP C 47 -16.24 6.40 -25.55
C ASP C 47 -15.76 7.69 -26.18
N LYS C 48 -14.45 7.78 -26.48
CA LYS C 48 -13.89 9.02 -27.00
C LYS C 48 -14.49 9.40 -28.34
N ILE C 49 -14.54 8.45 -29.29
CA ILE C 49 -15.11 8.79 -30.59
C ILE C 49 -16.58 9.13 -30.45
N ARG C 50 -17.29 8.44 -29.54
CA ARG C 50 -18.69 8.76 -29.29
C ARG C 50 -18.84 10.19 -28.75
N TYR C 51 -17.97 10.59 -27.82
CA TYR C 51 -18.02 11.95 -27.30
C TYR C 51 -17.67 12.95 -28.40
N ALA C 52 -16.61 12.69 -29.14
CA ALA C 52 -16.20 13.59 -30.22
C ALA C 52 -17.34 13.80 -31.23
N ALA C 53 -18.14 12.76 -31.48
CA ALA C 53 -19.22 12.85 -32.46
C ALA C 53 -20.41 13.67 -31.99
N LEU C 54 -20.51 13.97 -30.69
CA LEU C 54 -21.60 14.80 -30.20
C LEU C 54 -21.55 16.19 -30.82
N THR C 55 -20.36 16.77 -30.93
CA THR C 55 -20.23 18.09 -31.51
C THR C 55 -19.85 18.05 -32.99
N ASP C 56 -19.43 16.90 -33.51
CA ASP C 56 -19.10 16.75 -34.92
C ASP C 56 -19.54 15.36 -35.37
N PRO C 57 -20.80 15.22 -35.81
CA PRO C 57 -21.28 13.89 -36.21
C PRO C 57 -20.47 13.23 -37.32
N SER C 58 -19.80 14.01 -38.17
CA SER C 58 -18.98 13.45 -39.24
C SER C 58 -17.76 12.68 -38.71
N GLN C 59 -17.45 12.79 -37.42
CA GLN C 59 -16.37 12.00 -36.81
C GLN C 59 -16.59 10.49 -36.94
N LEU C 60 -17.84 10.07 -37.14
CA LEU C 60 -18.19 8.67 -37.31
C LEU C 60 -18.17 8.24 -38.77
N ASP C 61 -17.95 9.18 -39.70
CA ASP C 61 -18.00 8.85 -41.12
C ASP C 61 -16.99 7.77 -41.49
N SER C 62 -15.83 7.78 -40.83
CA SER C 62 -14.78 6.81 -41.10
C SER C 62 -15.15 5.38 -40.71
N GLU C 63 -16.10 5.20 -39.78
CA GLU C 63 -16.57 3.88 -39.35
C GLU C 63 -17.76 4.04 -38.40
N LYS C 64 -18.96 3.65 -38.85
CA LYS C 64 -20.17 3.93 -38.08
C LYS C 64 -20.47 2.92 -36.98
N ASP C 65 -19.92 1.70 -37.05
CA ASP C 65 -20.19 0.66 -36.06
C ASP C 65 -19.19 0.72 -34.90
N LEU C 66 -19.70 0.79 -33.67
CA LEU C 66 -18.86 0.85 -32.47
C LEU C 66 -18.87 -0.52 -31.81
N TYR C 67 -17.73 -1.23 -31.84
CA TYR C 67 -17.70 -2.58 -31.26
C TYR C 67 -16.25 -2.96 -30.91
N ILE C 68 -16.15 -4.06 -30.17
CA ILE C 68 -14.89 -4.70 -29.82
C ILE C 68 -14.94 -6.12 -30.38
N ARG C 69 -13.89 -6.52 -31.08
CA ARG C 69 -13.89 -7.86 -31.64
C ARG C 69 -12.59 -8.58 -31.30
N ILE C 70 -12.72 -9.85 -30.90
CA ILE C 70 -11.61 -10.71 -30.51
C ILE C 70 -11.47 -11.77 -31.58
N ILE C 71 -10.28 -11.91 -32.15
CA ILE C 71 -10.03 -12.84 -33.26
C ILE C 71 -8.83 -13.72 -32.91
N PRO C 72 -9.03 -14.92 -32.37
CA PRO C 72 -7.89 -15.82 -32.19
C PRO C 72 -7.52 -16.48 -33.51
N ASN C 73 -6.24 -16.72 -33.68
CA ASN C 73 -5.72 -17.37 -34.88
C ASN C 73 -4.71 -18.41 -34.45
N LYS C 74 -5.17 -19.66 -34.32
CA LYS C 74 -4.32 -20.71 -33.77
C LYS C 74 -3.17 -21.05 -34.70
N GLU C 75 -3.37 -20.92 -36.02
N GLU C 75 -3.37 -20.91 -36.02
CA GLU C 75 -2.28 -21.23 -36.95
CA GLU C 75 -2.30 -21.22 -36.96
C GLU C 75 -1.15 -20.22 -36.83
C GLU C 75 -1.16 -20.22 -36.84
N GLU C 76 -1.47 -18.93 -36.71
CA GLU C 76 -0.47 -17.90 -36.53
C GLU C 76 -0.06 -17.73 -35.07
N GLY C 77 -0.79 -18.33 -34.13
CA GLY C 77 -0.47 -18.17 -32.72
C GLY C 77 -0.74 -16.80 -32.17
N THR C 78 -1.77 -16.12 -32.66
CA THR C 78 -2.01 -14.73 -32.32
C THR C 78 -3.44 -14.53 -31.79
N LEU C 79 -3.59 -13.55 -30.94
CA LEU C 79 -4.89 -13.08 -30.51
C LEU C 79 -4.98 -11.60 -30.86
N THR C 80 -5.97 -11.23 -31.65
CA THR C 80 -6.20 -9.86 -32.05
C THR C 80 -7.44 -9.31 -31.34
N ILE C 81 -7.30 -8.12 -30.73
CA ILE C 81 -8.42 -7.37 -30.18
C ILE C 81 -8.56 -6.13 -31.06
N ARG C 82 -9.67 -6.02 -31.77
CA ARG C 82 -9.94 -4.88 -32.65
C ARG C 82 -11.08 -4.05 -32.07
N ASP C 83 -10.94 -2.72 -32.12
CA ASP C 83 -12.05 -1.86 -31.73
C ASP C 83 -12.14 -0.75 -32.75
N THR C 84 -13.32 -0.15 -32.84
CA THR C 84 -13.55 0.98 -33.73
C THR C 84 -13.63 2.29 -32.94
N GLY C 85 -12.76 2.43 -31.95
CA GLY C 85 -12.68 3.65 -31.16
C GLY C 85 -11.97 4.76 -31.91
N ILE C 86 -11.50 5.74 -31.14
CA ILE C 86 -10.98 6.96 -31.73
C ILE C 86 -9.65 6.74 -32.45
N GLY C 87 -8.92 5.67 -32.11
CA GLY C 87 -7.63 5.46 -32.74
C GLY C 87 -6.55 6.31 -32.11
N MET C 88 -5.34 6.20 -32.67
CA MET C 88 -4.21 6.97 -32.18
C MET C 88 -3.45 7.64 -33.32
N THR C 89 -3.07 8.90 -33.10
CA THR C 89 -2.18 9.58 -34.02
C THR C 89 -0.76 9.05 -33.81
N LYS C 90 0.16 9.46 -34.68
CA LYS C 90 1.54 9.09 -34.44
C LYS C 90 2.00 9.65 -33.10
N ALA C 91 1.62 10.88 -32.79
CA ALA C 91 2.00 11.46 -31.51
C ALA C 91 1.42 10.65 -30.36
N ASP C 92 0.17 10.18 -30.51
CA ASP C 92 -0.41 9.33 -29.48
C ASP C 92 0.39 8.07 -29.27
N LEU C 93 0.83 7.44 -30.37
CA LEU C 93 1.62 6.22 -30.27
C LEU C 93 2.90 6.44 -29.48
N VAL C 94 3.63 7.51 -29.78
CA VAL C 94 4.87 7.79 -29.09
C VAL C 94 4.62 8.08 -27.62
N ASN C 95 3.59 8.86 -27.32
CA ASN C 95 3.36 9.29 -25.94
C ASN C 95 2.65 8.24 -25.10
N ASN C 96 1.51 7.74 -25.58
CA ASN C 96 0.72 6.76 -24.79
C ASN C 96 1.40 5.39 -24.78
N LEU C 97 2.03 5.00 -25.89
CA LEU C 97 2.62 3.63 -25.98
C LEU C 97 4.16 3.65 -25.98
N GLY C 98 4.80 4.78 -25.66
CA GLY C 98 6.28 4.77 -25.56
C GLY C 98 6.81 5.49 -24.34
N THR C 99 6.35 6.72 -24.14
CA THR C 99 6.76 7.53 -22.95
C THR C 99 5.67 7.37 -21.90
N ILE C 100 5.52 8.36 -21.01
CA ILE C 100 4.39 8.30 -20.03
C ILE C 100 3.65 9.64 -19.96
N ALA C 101 2.34 9.64 -20.26
CA ALA C 101 1.54 10.87 -20.10
C ALA C 101 0.78 10.78 -18.77
N LYS C 102 0.08 9.67 -18.54
CA LYS C 102 -0.56 9.46 -17.22
C LYS C 102 0.48 8.67 -16.43
N SER C 103 1.24 9.35 -15.58
CA SER C 103 2.39 8.70 -14.91
C SER C 103 2.00 7.93 -13.65
N GLY C 104 1.23 6.85 -13.78
CA GLY C 104 0.97 5.98 -12.61
C GLY C 104 1.99 4.86 -12.60
N THR C 105 2.93 4.88 -13.55
CA THR C 105 3.94 3.79 -13.70
C THR C 105 4.72 3.59 -12.39
N LYS C 106 5.28 4.65 -11.82
CA LYS C 106 6.10 4.44 -10.63
C LYS C 106 5.24 4.01 -9.45
N ALA C 107 4.07 4.64 -9.28
CA ALA C 107 3.16 4.23 -8.21
C ALA C 107 2.75 2.77 -8.36
N PHE C 108 2.42 2.34 -9.58
CA PHE C 108 2.07 0.93 -9.78
C PHE C 108 3.20 -0.01 -9.38
N MET C 109 4.44 0.32 -9.76
CA MET C 109 5.53 -0.58 -9.41
C MET C 109 5.75 -0.63 -7.91
N GLU C 110 5.45 0.47 -7.24
CA GLU C 110 5.52 0.48 -5.76
C GLU C 110 4.39 -0.39 -5.22
N ALA C 111 3.19 -0.28 -5.80
CA ALA C 111 2.10 -1.16 -5.33
C ALA C 111 2.48 -2.63 -5.50
N LEU C 112 3.10 -2.99 -6.62
CA LEU C 112 3.49 -4.39 -6.83
C LEU C 112 4.49 -4.83 -5.77
N SER C 113 5.48 -3.99 -5.51
CA SER C 113 6.48 -4.41 -4.54
C SER C 113 5.87 -4.51 -3.15
N SER C 114 4.84 -3.73 -2.86
CA SER C 114 4.20 -3.83 -1.55
C SER C 114 3.23 -5.01 -1.47
N GLY C 115 3.06 -5.80 -2.54
CA GLY C 115 2.27 -7.01 -2.52
C GLY C 115 0.94 -6.99 -3.26
N ALA C 116 0.61 -5.90 -3.96
CA ALA C 116 -0.64 -5.85 -4.70
C ALA C 116 -0.57 -6.78 -5.90
N ASP C 117 -1.75 -7.13 -6.42
CA ASP C 117 -1.76 -8.09 -7.52
C ASP C 117 -1.60 -7.33 -8.85
N ILE C 118 -1.10 -8.06 -9.86
CA ILE C 118 -0.93 -7.52 -11.21
C ILE C 118 -2.26 -6.96 -11.71
N SER C 119 -3.37 -7.51 -11.20
CA SER C 119 -4.68 -7.04 -11.65
C SER C 119 -4.90 -5.57 -11.36
N MET C 120 -4.11 -4.98 -10.46
CA MET C 120 -4.30 -3.56 -10.20
C MET C 120 -3.76 -2.66 -11.32
N ILE C 121 -3.12 -3.21 -12.35
CA ILE C 121 -2.44 -2.38 -13.35
C ILE C 121 -3.36 -1.36 -14.00
N GLY C 122 -4.63 -1.73 -14.18
CA GLY C 122 -5.58 -0.81 -14.81
C GLY C 122 -5.89 0.42 -14.02
N GLN C 123 -5.66 0.41 -12.71
CA GLN C 123 -5.92 1.58 -11.90
C GLN C 123 -4.88 2.65 -12.19
N PHE C 124 -3.74 2.25 -12.71
CA PHE C 124 -2.64 3.18 -12.96
C PHE C 124 -2.46 3.62 -14.40
N GLY C 125 -3.39 3.27 -15.25
CA GLY C 125 -3.33 3.71 -16.62
C GLY C 125 -2.28 3.07 -17.51
N VAL C 126 -1.73 1.95 -17.10
CA VAL C 126 -0.76 1.27 -17.91
C VAL C 126 -1.20 -0.16 -18.21
N GLY C 127 -2.51 -0.36 -18.28
CA GLY C 127 -3.07 -1.68 -18.57
C GLY C 127 -2.65 -2.26 -19.90
N PHE C 128 -2.33 -1.41 -20.89
CA PHE C 128 -1.89 -1.94 -22.20
C PHE C 128 -0.72 -2.92 -22.05
N TYR C 129 0.22 -2.61 -21.16
CA TYR C 129 1.42 -3.41 -21.04
C TYR C 129 1.16 -4.78 -20.42
N SER C 130 -0.01 -5.00 -19.81
CA SER C 130 -0.29 -6.36 -19.36
C SER C 130 -0.35 -7.35 -20.53
N SER C 131 -0.43 -6.87 -21.77
N SER C 131 -0.45 -6.86 -21.78
CA SER C 131 -0.40 -7.77 -22.91
CA SER C 131 -0.36 -7.78 -22.92
C SER C 131 0.87 -8.60 -22.94
C SER C 131 0.84 -8.69 -22.78
N TYR C 132 1.94 -8.16 -22.28
CA TYR C 132 3.18 -8.94 -22.20
C TYR C 132 3.16 -9.98 -21.10
N LEU C 133 2.09 -10.06 -20.31
CA LEU C 133 1.90 -11.26 -19.48
C LEU C 133 1.75 -12.50 -20.35
N VAL C 134 1.13 -12.37 -21.53
CA VAL C 134 0.86 -13.52 -22.39
C VAL C 134 1.53 -13.45 -23.75
N ALA C 135 2.06 -12.29 -24.19
CA ALA C 135 2.55 -12.10 -25.54
C ALA C 135 4.07 -11.92 -25.55
N GLU C 136 4.69 -12.52 -26.57
CA GLU C 136 6.14 -12.41 -26.87
C GLU C 136 6.37 -11.06 -27.54
N LYS C 137 5.38 -10.59 -28.32
CA LYS C 137 5.49 -9.32 -29.00
C LYS C 137 4.09 -8.85 -29.35
N VAL C 138 3.93 -7.55 -29.53
CA VAL C 138 2.63 -6.97 -29.83
C VAL C 138 2.79 -6.07 -31.06
N GLN C 139 1.85 -6.17 -32.00
CA GLN C 139 1.75 -5.26 -33.13
C GLN C 139 0.42 -4.51 -33.02
N VAL C 140 0.49 -3.19 -32.93
CA VAL C 140 -0.68 -2.35 -32.80
C VAL C 140 -0.84 -1.59 -34.11
N THR C 141 -1.91 -1.90 -34.85
CA THR C 141 -2.28 -1.13 -36.03
C THR C 141 -3.33 -0.12 -35.61
N THR C 142 -3.19 1.13 -36.05
CA THR C 142 -4.14 2.11 -35.56
C THR C 142 -4.38 3.20 -36.57
N LYS C 143 -5.58 3.76 -36.52
CA LYS C 143 -6.01 4.78 -37.48
C LYS C 143 -6.89 5.79 -36.76
N HIS C 144 -6.44 7.03 -36.76
CA HIS C 144 -7.15 8.17 -36.20
C HIS C 144 -7.61 9.05 -37.33
N ASN C 145 -8.77 9.69 -37.15
CA ASN C 145 -9.31 10.55 -38.20
C ASN C 145 -8.33 11.61 -38.67
N ASP C 146 -7.45 12.07 -37.79
CA ASP C 146 -6.54 13.18 -38.09
C ASP C 146 -5.19 12.74 -38.65
N ASP C 147 -4.98 11.46 -38.92
CA ASP C 147 -3.65 10.96 -39.20
C ASP C 147 -3.77 9.73 -40.11
N GLU C 148 -2.63 9.20 -40.53
CA GLU C 148 -2.59 8.01 -41.36
C GLU C 148 -2.64 6.75 -40.49
N GLN C 149 -2.73 5.61 -41.16
CA GLN C 149 -2.67 4.35 -40.46
C GLN C 149 -1.22 3.99 -40.12
N TYR C 150 -0.98 3.61 -38.87
CA TYR C 150 0.36 3.27 -38.41
C TYR C 150 0.39 1.87 -37.83
N ILE C 151 1.60 1.31 -37.76
CA ILE C 151 1.82 -0.01 -37.11
C ILE C 151 2.91 0.16 -36.05
N TRP C 152 2.57 0.02 -34.78
CA TRP C 152 3.51 0.05 -33.67
C TRP C 152 3.87 -1.40 -33.36
N GLU C 153 5.16 -1.66 -33.09
CA GLU C 153 5.55 -3.03 -32.77
C GLU C 153 6.64 -3.04 -31.71
N SER C 154 6.56 -3.99 -30.79
CA SER C 154 7.64 -4.15 -29.81
C SER C 154 7.65 -5.58 -29.26
N ALA C 155 8.84 -6.13 -29.06
CA ALA C 155 9.03 -7.33 -28.26
C ALA C 155 9.54 -7.02 -26.87
N ALA C 156 9.37 -5.78 -26.42
CA ALA C 156 9.73 -5.33 -25.07
C ALA C 156 11.20 -5.61 -24.75
N GLY C 157 12.08 -5.31 -25.69
CA GLY C 157 13.52 -5.35 -25.43
C GLY C 157 14.13 -3.97 -25.40
N GLY C 158 13.39 -3.00 -24.93
CA GLY C 158 13.95 -1.67 -24.80
C GLY C 158 13.52 -0.68 -25.86
N THR C 159 13.03 -1.17 -27.01
CA THR C 159 12.64 -0.29 -28.10
C THR C 159 11.33 -0.77 -28.71
N PHE C 160 10.67 0.16 -29.41
CA PHE C 160 9.54 -0.15 -30.29
C PHE C 160 9.75 0.56 -31.61
N THR C 161 9.01 0.11 -32.61
CA THR C 161 9.07 0.74 -33.93
C THR C 161 7.70 1.27 -34.32
N ILE C 162 7.69 2.28 -35.15
CA ILE C 162 6.46 2.80 -35.69
C ILE C 162 6.68 2.86 -37.20
N THR C 163 5.73 2.34 -37.95
CA THR C 163 5.80 2.34 -39.39
C THR C 163 4.50 2.87 -39.94
N GLU C 164 4.56 3.73 -40.95
CA GLU C 164 3.33 4.19 -41.58
C GLU C 164 2.81 2.97 -42.32
N ASP C 165 1.58 2.54 -42.02
CA ASP C 165 1.01 1.33 -42.66
C ASP C 165 0.31 1.75 -43.96
N THR C 166 1.02 1.64 -45.09
CA THR C 166 0.43 1.98 -46.41
C THR C 166 0.06 0.69 -47.15
N GLU C 167 0.60 -0.45 -46.73
CA GLU C 167 0.40 -1.75 -47.43
C GLU C 167 -0.45 -2.72 -46.62
N GLY C 168 -1.27 -2.24 -45.69
CA GLY C 168 -2.06 -3.18 -44.86
C GLY C 168 -3.56 -2.97 -44.98
N PRO C 169 -4.38 -3.96 -44.58
CA PRO C 169 -5.83 -3.82 -44.60
C PRO C 169 -6.25 -2.52 -43.88
N ARG C 170 -7.14 -1.77 -44.50
CA ARG C 170 -7.59 -0.48 -43.93
C ARG C 170 -8.50 -0.70 -42.72
N LEU C 171 -8.19 -0.03 -41.61
CA LEU C 171 -9.04 -0.09 -40.42
C LEU C 171 -10.26 0.81 -40.55
N GLY C 172 -10.16 1.87 -41.33
CA GLY C 172 -11.18 2.89 -41.34
C GLY C 172 -10.98 3.82 -40.16
N ARG C 173 -11.17 3.29 -38.96
CA ARG C 173 -10.86 4.03 -37.74
C ARG C 173 -10.73 3.02 -36.61
N GLY C 174 -9.84 3.33 -35.67
CA GLY C 174 -9.75 2.48 -34.50
C GLY C 174 -8.38 1.85 -34.33
N THR C 175 -8.34 0.74 -33.60
CA THR C 175 -7.10 0.09 -33.23
C THR C 175 -7.28 -1.42 -33.28
N SER C 176 -6.31 -2.11 -33.86
CA SER C 176 -6.28 -3.57 -33.84
C SER C 176 -4.99 -4.02 -33.18
N MET C 177 -5.10 -4.66 -32.02
CA MET C 177 -3.93 -5.12 -31.24
C MET C 177 -3.70 -6.60 -31.48
N LYS C 178 -2.58 -6.94 -32.09
CA LYS C 178 -2.26 -8.34 -32.36
C LYS C 178 -1.19 -8.82 -31.39
N LEU C 179 -1.54 -9.78 -30.55
CA LEU C 179 -0.65 -10.38 -29.56
C LEU C 179 -0.13 -11.70 -30.10
N PHE C 180 1.21 -11.86 -30.15
CA PHE C 180 1.83 -13.13 -30.54
C PHE C 180 2.06 -13.89 -29.25
N ILE C 181 1.20 -14.88 -28.98
CA ILE C 181 1.13 -15.53 -27.66
C ILE C 181 2.32 -16.43 -27.42
N LYS C 182 2.79 -16.46 -26.17
CA LYS C 182 3.92 -17.29 -25.77
C LYS C 182 3.62 -18.79 -25.92
N GLU C 183 4.68 -19.57 -26.05
CA GLU C 183 4.55 -20.98 -26.44
C GLU C 183 3.62 -21.77 -25.52
N ASP C 184 3.76 -21.60 -24.20
CA ASP C 184 2.97 -22.41 -23.27
C ASP C 184 1.66 -21.74 -22.85
N LEU C 185 1.29 -20.62 -23.46
CA LEU C 185 0.08 -19.91 -23.05
C LEU C 185 -1.00 -19.93 -24.14
N LYS C 186 -1.00 -20.94 -25.01
CA LYS C 186 -1.97 -20.97 -26.10
C LYS C 186 -3.39 -21.26 -25.62
N GLU C 187 -3.58 -21.54 -24.34
CA GLU C 187 -4.94 -21.58 -23.81
C GLU C 187 -5.69 -20.30 -24.10
N TYR C 188 -4.96 -19.15 -24.20
CA TYR C 188 -5.68 -17.90 -24.43
C TYR C 188 -6.16 -17.72 -25.86
N LEU C 189 -5.91 -18.68 -26.75
CA LEU C 189 -6.54 -18.71 -28.07
C LEU C 189 -7.76 -19.61 -28.11
N GLU C 190 -8.03 -20.36 -27.04
CA GLU C 190 -9.15 -21.29 -27.01
C GLU C 190 -10.46 -20.55 -26.80
N GLU C 191 -11.48 -20.91 -27.58
CA GLU C 191 -12.79 -20.26 -27.48
C GLU C 191 -13.34 -20.31 -26.06
N LYS C 192 -13.30 -21.48 -25.44
CA LYS C 192 -13.89 -21.63 -24.11
C LYS C 192 -13.17 -20.74 -23.10
N ARG C 193 -11.85 -20.70 -23.18
CA ARG C 193 -11.09 -19.88 -22.25
C ARG C 193 -11.38 -18.39 -22.45
N ILE C 194 -11.39 -17.93 -23.70
CA ILE C 194 -11.65 -16.51 -23.96
C ILE C 194 -13.02 -16.11 -23.41
N ARG C 195 -14.03 -16.93 -23.71
CA ARG C 195 -15.38 -16.54 -23.32
C ARG C 195 -15.53 -16.49 -21.81
N GLU C 196 -14.93 -17.45 -21.09
CA GLU C 196 -15.04 -17.43 -19.63
C GLU C 196 -14.35 -16.20 -19.04
N ILE C 197 -13.22 -15.78 -19.61
CA ILE C 197 -12.52 -14.59 -19.10
C ILE C 197 -13.37 -13.34 -19.33
N VAL C 198 -13.93 -13.19 -20.54
CA VAL C 198 -14.76 -12.02 -20.81
C VAL C 198 -16.00 -12.03 -19.94
N LYS C 199 -16.58 -13.23 -19.76
CA LYS C 199 -17.79 -13.39 -18.92
C LYS C 199 -17.49 -12.94 -17.49
N LYS C 200 -16.30 -13.28 -16.99
CA LYS C 200 -15.93 -13.00 -15.62
C LYS C 200 -15.56 -11.53 -15.42
N HIS C 201 -14.82 -10.93 -16.36
CA HIS C 201 -14.18 -9.63 -16.11
C HIS C 201 -14.75 -8.45 -16.86
N SER C 202 -15.66 -8.64 -17.81
CA SER C 202 -16.09 -7.52 -18.65
C SER C 202 -17.60 -7.41 -18.71
N GLU C 203 -18.28 -7.82 -17.63
CA GLU C 203 -19.73 -7.85 -17.62
C GLU C 203 -20.34 -6.47 -17.86
N PHE C 204 -19.65 -5.41 -17.45
CA PHE C 204 -20.21 -4.07 -17.46
C PHE C 204 -19.73 -3.20 -18.62
N ILE C 205 -18.99 -3.76 -19.59
CA ILE C 205 -18.67 -3.00 -20.78
C ILE C 205 -19.96 -2.80 -21.57
N SER C 206 -20.21 -1.56 -21.99
CA SER C 206 -21.49 -1.20 -22.60
C SER C 206 -21.53 -1.43 -24.11
N TYR C 207 -20.41 -1.71 -24.74
CA TYR C 207 -20.34 -1.92 -26.18
C TYR C 207 -20.38 -3.40 -26.52
N PRO C 208 -20.79 -3.76 -27.74
CA PRO C 208 -20.76 -5.17 -28.17
C PRO C 208 -19.35 -5.72 -28.14
N ILE C 209 -19.20 -6.88 -27.51
CA ILE C 209 -17.94 -7.62 -27.53
C ILE C 209 -18.20 -8.86 -28.37
N GLN C 210 -17.51 -8.96 -29.50
CA GLN C 210 -17.66 -10.04 -30.46
C GLN C 210 -16.46 -10.98 -30.40
N LEU C 211 -16.71 -12.26 -30.60
CA LEU C 211 -15.66 -13.26 -30.73
C LEU C 211 -15.84 -13.99 -32.05
N VAL C 212 -14.76 -14.16 -32.80
CA VAL C 212 -14.81 -14.91 -34.05
C VAL C 212 -14.46 -16.35 -33.72
N VAL C 213 -15.42 -17.26 -33.92
CA VAL C 213 -15.16 -18.68 -33.70
C VAL C 213 -15.09 -19.33 -35.06
N THR C 214 -14.08 -20.15 -35.24
CA THR C 214 -13.88 -20.83 -36.51
C THR C 214 -14.22 -22.29 -36.30
N LYS C 215 -15.00 -22.85 -37.21
CA LYS C 215 -15.43 -24.23 -37.09
C LYS C 215 -14.24 -25.19 -37.13
CL CL D . -23.82 -2.81 13.91
CL CL E . 22.14 8.37 26.25
#